data_7ZFR
#
_entry.id   7ZFR
#
_cell.length_a   83.985
_cell.length_b   83.985
_cell.length_c   348.589
_cell.angle_alpha   90.000
_cell.angle_beta   90.000
_cell.angle_gamma   120.000
#
_symmetry.space_group_name_H-M   'P 61 2 2'
#
loop_
_entity.id
_entity.type
_entity.pdbx_description
1 polymer 'MHC class II HLA-DP alpha chain (DPA1*02:01)'
2 polymer 'MHC class II HLA-DP beta chain (DPB1*01:01)'
3 polymer 'Synthetic peptide'
4 branched 2-acetamido-2-deoxy-beta-D-glucopyranose-(1-4)-2-acetamido-2-deoxy-beta-D-glucopyranose
#
loop_
_entity_poly.entity_id
_entity_poly.type
_entity_poly.pdbx_seq_one_letter_code
_entity_poly.pdbx_strand_id
1 'polypeptide(L)'
;RSAGAIKADHVSTYAAFVQTHRPTGEFMFEFDEDEQFYVDLDKKETVWHLEEFGRAFSFEAQGGLANIAILNNNLNTLIQ
RSNHTQAANDPPEVTVFPKEPVELGQPNTLICHIDRFFPPVLNVTWLCNGEPVTEGVAESLFLPRTDYSFHKFHYLTFVP
SAEDVYDCRVEHWGLDQPLLKHWEAQEPIQMPETTEGSGGGHGGSTTAPSAQLEKELQALEKENAQLEWELQALEKELAQ
GGSGGGHHHHHHGGGSGGGSGSHHHHHH
;
A
2 'polypeptide(L)'
;LERATPENYVYQGRQECYAFNGTQRFLERYIYNREEYARFDSDVGEFRAVTELGRPAAEYWNSQKDILEEKRAVPDRVCR
HNYELDEAVTLQRRVQPKVNVSPSKKGPLQHHNLLVCHVTDFYPGSIQVRWFLNGQEETAGVVSTNLIRNGDWTFQILVM
LEMTPQQGDVYICQVEHTSLDSPVTVEWKAQSDSAQSKGSGGGSGGSTTAPSAQLKKKLQALKKKNAQLKWKLQALKKKL
AQGGSGGGLNDIFEAQKIEWHE
;
B
3 'polypeptide(L)' IEFVFKNKAKEL C
#
# COMPACT_ATOMS: atom_id res chain seq x y z
N ILE A 6 15.67 5.88 9.03
CA ILE A 6 15.41 5.46 10.39
C ILE A 6 15.27 3.94 10.48
N LYS A 7 16.06 3.33 11.36
CA LYS A 7 15.93 1.89 11.59
C LYS A 7 14.66 1.60 12.36
N ALA A 8 13.94 0.56 11.93
CA ALA A 8 12.67 0.21 12.55
C ALA A 8 12.30 -1.22 12.20
N ASP A 9 11.80 -1.96 13.19
CA ASP A 9 11.24 -3.28 12.92
C ASP A 9 9.91 -3.16 12.21
N HIS A 10 9.13 -2.12 12.51
CA HIS A 10 7.81 -1.90 11.94
C HIS A 10 7.52 -0.40 11.98
N VAL A 11 6.72 0.06 11.03
CA VAL A 11 6.30 1.46 10.91
C VAL A 11 4.77 1.51 11.02
N SER A 12 4.29 2.45 11.84
CA SER A 12 2.87 2.61 12.15
C SER A 12 2.54 4.07 11.85
N THR A 13 1.89 4.31 10.71
CA THR A 13 1.72 5.65 10.17
C THR A 13 0.23 5.98 10.07
N TYR A 14 -0.20 6.96 10.84
CA TYR A 14 -1.46 7.64 10.55
C TYR A 14 -1.24 8.57 9.36
N ALA A 15 -2.15 8.54 8.40
CA ALA A 15 -1.99 9.36 7.21
C ALA A 15 -3.33 9.90 6.76
N ALA A 16 -3.33 11.17 6.35
CA ALA A 16 -4.56 11.84 5.98
C ALA A 16 -4.25 12.99 5.02
N PHE A 17 -5.26 13.38 4.24
CA PHE A 17 -5.11 14.46 3.30
C PHE A 17 -6.46 15.12 3.02
N VAL A 18 -6.40 16.37 2.56
CA VAL A 18 -7.57 17.13 2.13
C VAL A 18 -7.21 17.86 0.85
N GLN A 19 -8.23 18.16 0.04
CA GLN A 19 -7.99 18.81 -1.24
C GLN A 19 -9.28 19.44 -1.74
N THR A 20 -9.15 20.18 -2.85
CA THR A 20 -10.27 20.95 -3.38
C THR A 20 -11.32 20.05 -4.02
N HIS A 21 -10.90 19.10 -4.83
CA HIS A 21 -11.83 18.21 -5.51
C HIS A 21 -12.04 16.93 -4.71
N ARG A 22 -12.88 16.04 -5.23
CA ARG A 22 -13.18 14.78 -4.58
C ARG A 22 -12.14 13.73 -4.92
N PRO A 23 -11.69 12.91 -3.95
CA PRO A 23 -12.10 12.92 -2.54
C PRO A 23 -11.60 14.14 -1.77
N THR A 24 -12.52 14.86 -1.14
CA THR A 24 -12.17 16.08 -0.43
C THR A 24 -11.37 15.80 0.84
N GLY A 25 -11.47 14.60 1.39
CA GLY A 25 -10.73 14.27 2.60
C GLY A 25 -10.65 12.77 2.78
N GLU A 26 -9.65 12.36 3.55
CA GLU A 26 -9.44 10.94 3.85
C GLU A 26 -8.52 10.84 5.05
N PHE A 27 -8.83 9.89 5.93
CA PHE A 27 -8.05 9.68 7.15
C PHE A 27 -7.95 8.19 7.41
N MET A 28 -6.73 7.70 7.63
CA MET A 28 -6.52 6.28 7.81
C MET A 28 -5.25 6.04 8.63
N PHE A 29 -5.05 4.80 9.02
CA PHE A 29 -3.85 4.35 9.71
C PHE A 29 -3.34 3.10 9.02
N GLU A 30 -2.05 3.08 8.71
CA GLU A 30 -1.43 1.95 8.02
C GLU A 30 -0.36 1.33 8.90
N PHE A 31 -0.24 0.00 8.83
CA PHE A 31 0.80 -0.74 9.54
C PHE A 31 1.65 -1.46 8.52
N ASP A 32 2.92 -1.06 8.42
CA ASP A 32 3.84 -1.61 7.42
C ASP A 32 3.28 -1.47 6.01
N GLU A 33 2.70 -0.30 5.74
CA GLU A 33 2.22 0.15 4.42
C GLU A 33 0.94 -0.55 3.97
N ASP A 34 0.28 -1.32 4.84
CA ASP A 34 -1.02 -1.89 4.56
C ASP A 34 -2.07 -1.18 5.40
N GLU A 35 -3.17 -0.77 4.75
CA GLU A 35 -4.18 0.01 5.44
C GLU A 35 -4.93 -0.86 6.44
N GLN A 36 -4.87 -0.46 7.72
CA GLN A 36 -5.57 -1.19 8.78
C GLN A 36 -7.00 -0.70 8.95
N PHE A 37 -7.20 0.62 9.02
CA PHE A 37 -8.54 1.17 9.13
C PHE A 37 -8.53 2.62 8.67
N TYR A 38 -9.71 3.08 8.23
CA TYR A 38 -9.93 4.47 7.88
C TYR A 38 -11.20 4.95 8.56
N VAL A 39 -11.46 6.24 8.45
CA VAL A 39 -12.64 6.87 9.06
C VAL A 39 -13.51 7.40 7.93
N ASP A 40 -14.65 6.73 7.71
CA ASP A 40 -15.65 7.22 6.77
C ASP A 40 -16.12 8.61 7.21
N LEU A 41 -15.71 9.64 6.48
CA LEU A 41 -16.02 11.00 6.88
C LEU A 41 -17.47 11.39 6.61
N ASP A 42 -18.16 10.68 5.71
CA ASP A 42 -19.57 10.93 5.47
C ASP A 42 -20.43 10.24 6.52
N LYS A 43 -20.26 8.93 6.68
CA LYS A 43 -21.03 8.18 7.66
C LYS A 43 -20.53 8.36 9.09
N LYS A 44 -19.44 9.09 9.28
CA LYS A 44 -18.88 9.38 10.61
C LYS A 44 -18.66 8.07 11.40
N GLU A 45 -17.81 7.21 10.83
CA GLU A 45 -17.60 5.88 11.38
C GLU A 45 -16.17 5.44 11.12
N THR A 46 -15.75 4.41 11.85
CA THR A 46 -14.48 3.75 11.63
C THR A 46 -14.71 2.44 10.89
N VAL A 47 -13.93 2.19 9.84
CA VAL A 47 -14.10 1.03 8.99
C VAL A 47 -12.82 0.22 9.05
N TRP A 48 -12.91 -1.00 9.60
CA TRP A 48 -11.76 -1.88 9.74
C TRP A 48 -11.63 -2.77 8.51
N HIS A 49 -10.39 -2.93 8.04
CA HIS A 49 -10.17 -3.61 6.77
C HIS A 49 -10.48 -5.10 6.86
N LEU A 50 -10.13 -5.74 7.98
CA LEU A 50 -10.39 -7.17 8.17
C LEU A 50 -11.16 -7.38 9.46
N GLU A 51 -11.96 -8.44 9.49
CA GLU A 51 -12.70 -8.77 10.71
C GLU A 51 -11.76 -9.08 11.87
N GLU A 52 -10.57 -9.62 11.57
CA GLU A 52 -9.53 -9.80 12.59
C GLU A 52 -9.30 -8.52 13.38
N PHE A 53 -9.39 -7.36 12.72
CA PHE A 53 -9.13 -6.09 13.39
C PHE A 53 -10.33 -5.61 14.19
N GLY A 54 -11.52 -5.54 13.55
CA GLY A 54 -12.68 -5.03 14.24
C GLY A 54 -13.14 -5.89 15.39
N ARG A 55 -12.70 -7.13 15.44
CA ARG A 55 -13.06 -8.01 16.53
C ARG A 55 -12.25 -7.70 17.79
N ALA A 56 -11.20 -6.89 17.68
CA ALA A 56 -10.27 -6.73 18.77
C ALA A 56 -10.36 -5.32 19.35
N PHE A 57 -9.98 -4.31 18.57
CA PHE A 57 -9.91 -2.95 19.09
C PHE A 57 -10.87 -2.03 18.32
N SER A 58 -10.88 -0.76 18.74
CA SER A 58 -11.78 0.24 18.21
C SER A 58 -11.06 1.58 18.12
N PHE A 59 -11.69 2.54 17.45
CA PHE A 59 -11.11 3.86 17.26
C PHE A 59 -12.20 4.93 17.34
N GLU A 60 -11.87 6.03 18.03
CA GLU A 60 -12.77 7.17 18.13
C GLU A 60 -12.87 7.87 16.77
N ALA A 61 -14.01 7.72 16.10
CA ALA A 61 -14.22 8.37 14.82
C ALA A 61 -14.09 9.88 14.91
N GLN A 62 -14.20 10.44 16.11
CA GLN A 62 -13.99 11.87 16.29
C GLN A 62 -12.53 12.25 16.04
N GLY A 63 -11.59 11.36 16.37
CA GLY A 63 -10.19 11.64 16.16
C GLY A 63 -9.80 11.82 14.70
N GLY A 64 -10.60 11.27 13.78
CA GLY A 64 -10.36 11.46 12.37
C GLY A 64 -11.05 12.70 11.84
N LEU A 65 -12.33 12.85 12.17
CA LEU A 65 -13.08 14.04 11.74
C LEU A 65 -12.43 15.31 12.26
N ALA A 66 -11.90 15.27 13.47
CA ALA A 66 -11.23 16.44 14.03
C ALA A 66 -9.94 16.76 13.26
N ASN A 67 -9.12 15.74 13.01
CA ASN A 67 -7.89 15.94 12.25
C ASN A 67 -8.17 16.39 10.82
N ILE A 68 -9.35 16.07 10.28
CA ILE A 68 -9.71 16.55 8.95
C ILE A 68 -10.03 18.03 8.99
N ALA A 69 -10.75 18.48 10.02
CA ALA A 69 -11.03 19.90 10.16
C ALA A 69 -9.75 20.69 10.41
N ILE A 70 -8.80 20.11 11.16
CA ILE A 70 -7.49 20.71 11.29
C ILE A 70 -6.80 20.79 9.94
N LEU A 71 -6.73 19.66 9.22
CA LEU A 71 -6.14 19.64 7.89
C LEU A 71 -6.78 20.67 6.98
N ASN A 72 -8.09 20.87 7.11
CA ASN A 72 -8.77 21.85 6.26
C ASN A 72 -8.40 23.28 6.66
N ASN A 73 -8.21 23.52 7.96
CA ASN A 73 -7.87 24.87 8.41
C ASN A 73 -6.49 25.28 7.93
N ASN A 74 -5.52 24.36 7.95
CA ASN A 74 -4.19 24.65 7.42
C ASN A 74 -4.08 24.40 5.92
N LEU A 75 -5.11 23.84 5.28
CA LEU A 75 -5.18 23.84 3.83
C LEU A 75 -5.21 25.28 3.31
N ASN A 76 -6.23 26.04 3.71
CA ASN A 76 -6.15 27.49 3.66
C ASN A 76 -5.09 27.96 4.67
N THR A 77 -4.80 29.26 4.65
CA THR A 77 -3.66 29.83 5.37
C THR A 77 -2.35 29.33 4.78
N LEU A 78 -2.42 28.28 3.96
CA LEU A 78 -1.33 27.80 3.13
C LEU A 78 -1.59 28.03 1.66
N ILE A 79 -2.84 27.89 1.23
CA ILE A 79 -3.25 28.41 -0.08
C ILE A 79 -2.86 29.87 -0.21
N GLN A 80 -3.15 30.66 0.83
CA GLN A 80 -2.83 32.08 0.81
C GLN A 80 -1.33 32.31 1.00
N ARG A 81 -0.71 31.55 1.90
CA ARG A 81 0.72 31.76 2.19
C ARG A 81 1.59 31.45 0.99
N SER A 82 1.14 30.57 0.10
CA SER A 82 1.91 30.15 -1.06
C SER A 82 1.58 30.92 -2.32
N ASN A 83 0.83 32.02 -2.20
CA ASN A 83 0.35 32.78 -3.36
C ASN A 83 -0.42 31.88 -4.32
N HIS A 84 -1.22 30.97 -3.76
CA HIS A 84 -2.04 30.02 -4.50
C HIS A 84 -1.17 29.16 -5.44
N THR A 85 -0.40 28.28 -4.81
CA THR A 85 0.49 27.39 -5.53
C THR A 85 -0.21 26.06 -5.79
N GLN A 86 -0.35 25.70 -7.06
CA GLN A 86 -0.85 24.39 -7.46
C GLN A 86 0.33 23.50 -7.84
N ALA A 87 0.24 22.23 -7.48
CA ALA A 87 1.33 21.30 -7.72
C ALA A 87 1.24 20.68 -9.11
N ALA A 88 2.38 20.18 -9.59
CA ALA A 88 2.43 19.53 -10.88
C ALA A 88 1.66 18.22 -10.85
N ASN A 89 1.00 17.90 -11.96
CA ASN A 89 0.29 16.63 -12.10
C ASN A 89 1.30 15.54 -12.40
N ASP A 90 1.63 14.75 -11.38
CA ASP A 90 2.49 13.59 -11.57
C ASP A 90 1.67 12.45 -12.15
N PRO A 91 2.03 11.92 -13.31
CA PRO A 91 1.15 10.96 -13.99
C PRO A 91 1.29 9.57 -13.40
N PRO A 92 0.25 8.73 -13.52
CA PRO A 92 0.28 7.43 -12.88
C PRO A 92 0.92 6.33 -13.72
N GLU A 93 1.45 5.34 -13.01
CA GLU A 93 1.87 4.07 -13.60
C GLU A 93 0.87 3.01 -13.22
N VAL A 94 0.49 2.16 -14.18
CA VAL A 94 -0.62 1.23 -14.01
C VAL A 94 -0.14 -0.18 -14.33
N THR A 95 -0.47 -1.13 -13.46
CA THR A 95 -0.17 -2.54 -13.66
C THR A 95 -1.44 -3.36 -13.43
N VAL A 96 -1.62 -4.40 -14.24
CA VAL A 96 -2.76 -5.29 -14.11
C VAL A 96 -2.22 -6.72 -14.02
N PHE A 97 -2.61 -7.44 -12.97
CA PHE A 97 -2.10 -8.78 -12.69
C PHE A 97 -3.15 -9.55 -11.91
N PRO A 98 -3.18 -10.87 -12.02
CA PRO A 98 -4.18 -11.66 -11.28
C PRO A 98 -3.74 -12.01 -9.87
N LYS A 99 -4.74 -12.22 -9.02
CA LYS A 99 -4.47 -12.50 -7.61
C LYS A 99 -3.94 -13.92 -7.41
N GLU A 100 -4.55 -14.89 -8.07
CA GLU A 100 -4.13 -16.28 -8.02
C GLU A 100 -3.66 -16.73 -9.39
N PRO A 101 -2.91 -17.83 -9.47
CA PRO A 101 -2.55 -18.41 -10.77
C PRO A 101 -3.79 -18.60 -11.64
N VAL A 102 -3.62 -18.40 -12.94
CA VAL A 102 -4.73 -18.38 -13.88
C VAL A 102 -5.09 -19.81 -14.24
N GLU A 103 -6.07 -20.38 -13.55
CA GLU A 103 -6.67 -21.64 -13.91
C GLU A 103 -8.01 -21.35 -14.60
N LEU A 104 -8.16 -21.82 -15.83
CA LEU A 104 -9.40 -21.62 -16.56
C LEU A 104 -10.54 -22.32 -15.84
N GLY A 105 -11.50 -21.53 -15.36
CA GLY A 105 -12.64 -22.08 -14.65
C GLY A 105 -12.71 -21.65 -13.19
N GLN A 106 -11.58 -21.68 -12.50
CA GLN A 106 -11.54 -21.30 -11.09
C GLN A 106 -11.67 -19.78 -10.97
N PRO A 107 -12.68 -19.27 -10.25
CA PRO A 107 -12.83 -17.82 -10.13
C PRO A 107 -11.58 -17.16 -9.57
N ASN A 108 -11.32 -15.95 -10.05
CA ASN A 108 -10.10 -15.21 -9.74
C ASN A 108 -10.45 -13.77 -9.43
N THR A 109 -9.43 -13.00 -9.06
CA THR A 109 -9.58 -11.57 -8.81
C THR A 109 -8.50 -10.83 -9.59
N LEU A 110 -8.92 -9.92 -10.46
CA LEU A 110 -8.00 -9.10 -11.25
C LEU A 110 -7.68 -7.82 -10.49
N ILE A 111 -6.39 -7.53 -10.33
CA ILE A 111 -5.92 -6.40 -9.55
C ILE A 111 -5.35 -5.36 -10.51
N CYS A 112 -5.85 -4.13 -10.43
CA CYS A 112 -5.32 -2.99 -11.16
C CYS A 112 -4.63 -2.06 -10.17
N HIS A 113 -3.32 -1.91 -10.31
CA HIS A 113 -2.51 -1.12 -9.39
C HIS A 113 -2.10 0.17 -10.08
N ILE A 114 -2.70 1.28 -9.65
CA ILE A 114 -2.34 2.62 -10.09
C ILE A 114 -1.35 3.18 -9.08
N ASP A 115 -0.17 3.58 -9.54
CA ASP A 115 0.92 3.93 -8.64
C ASP A 115 1.60 5.24 -9.06
N ARG A 116 2.19 5.92 -8.08
CA ARG A 116 3.09 7.05 -8.30
C ARG A 116 2.39 8.22 -8.98
N PHE A 117 1.21 8.58 -8.48
CA PHE A 117 0.45 9.68 -9.07
C PHE A 117 0.10 10.72 -8.01
N PHE A 118 -0.25 11.91 -8.50
CA PHE A 118 -0.63 13.08 -7.72
C PHE A 118 -1.26 14.10 -8.66
N PRO A 119 -2.34 14.79 -8.26
CA PRO A 119 -3.05 14.74 -6.99
C PRO A 119 -3.96 13.52 -6.88
N PRO A 120 -4.54 13.27 -5.70
CA PRO A 120 -5.41 12.08 -5.51
C PRO A 120 -6.80 12.26 -6.13
N VAL A 121 -6.82 12.54 -7.43
CA VAL A 121 -8.04 12.59 -8.22
C VAL A 121 -7.87 11.66 -9.40
N LEU A 122 -8.88 10.84 -9.66
CA LEU A 122 -8.66 9.68 -10.52
C LEU A 122 -10.00 9.03 -10.87
N ASN A 123 -10.14 8.64 -12.14
CA ASN A 123 -11.21 7.76 -12.59
C ASN A 123 -10.62 6.42 -13.01
N VAL A 124 -11.31 5.33 -12.66
CA VAL A 124 -10.89 3.99 -13.04
C VAL A 124 -12.11 3.23 -13.53
N THR A 125 -11.97 2.53 -14.66
CA THR A 125 -13.04 1.73 -15.24
C THR A 125 -12.51 0.36 -15.62
N TRP A 126 -13.23 -0.68 -15.20
CA TRP A 126 -12.91 -2.05 -15.58
C TRP A 126 -13.65 -2.37 -16.88
N LEU A 127 -12.90 -2.65 -17.94
CA LEU A 127 -13.46 -2.97 -19.24
C LEU A 127 -13.25 -4.45 -19.53
N CYS A 128 -14.35 -5.15 -19.81
CA CYS A 128 -14.32 -6.52 -20.31
C CYS A 128 -14.81 -6.52 -21.74
N ASN A 129 -13.92 -6.83 -22.68
CA ASN A 129 -14.24 -6.86 -24.11
C ASN A 129 -14.82 -5.53 -24.57
N GLY A 130 -14.16 -4.44 -24.17
CA GLY A 130 -14.60 -3.11 -24.55
C GLY A 130 -15.67 -2.54 -23.64
N GLU A 131 -16.55 -3.41 -23.14
CA GLU A 131 -17.65 -2.97 -22.30
C GLU A 131 -17.19 -2.83 -20.84
N PRO A 132 -17.69 -1.84 -20.11
CA PRO A 132 -17.30 -1.68 -18.71
C PRO A 132 -18.05 -2.62 -17.79
N VAL A 133 -17.41 -2.95 -16.67
CA VAL A 133 -17.95 -3.87 -15.69
C VAL A 133 -18.31 -3.09 -14.43
N THR A 134 -19.55 -3.24 -13.97
CA THR A 134 -20.01 -2.60 -12.74
C THR A 134 -20.29 -3.59 -11.62
N GLU A 135 -20.63 -4.83 -11.95
CA GLU A 135 -20.95 -5.84 -10.95
C GLU A 135 -19.71 -6.65 -10.61
N GLY A 136 -19.49 -6.87 -9.31
CA GLY A 136 -18.36 -7.66 -8.87
C GLY A 136 -17.04 -6.91 -8.86
N VAL A 137 -17.07 -5.62 -8.51
CA VAL A 137 -15.86 -4.80 -8.47
C VAL A 137 -15.76 -4.12 -7.12
N ALA A 138 -14.53 -3.82 -6.71
CA ALA A 138 -14.25 -3.09 -5.48
C ALA A 138 -12.92 -2.39 -5.65
N GLU A 139 -12.57 -1.55 -4.68
CA GLU A 139 -11.35 -0.76 -4.80
C GLU A 139 -10.86 -0.34 -3.42
N SER A 140 -9.57 -0.09 -3.34
CA SER A 140 -8.93 0.38 -2.12
C SER A 140 -9.12 1.89 -1.99
N LEU A 141 -8.45 2.49 -1.02
CA LEU A 141 -8.44 3.93 -0.86
C LEU A 141 -7.30 4.55 -1.68
N PHE A 142 -7.27 5.88 -1.72
CA PHE A 142 -6.11 6.58 -2.22
C PHE A 142 -5.01 6.46 -1.16
N LEU A 143 -4.08 5.55 -1.37
CA LEU A 143 -3.12 5.18 -0.33
C LEU A 143 -1.87 6.05 -0.45
N PRO A 144 -1.49 6.76 0.61
CA PRO A 144 -0.33 7.65 0.51
C PRO A 144 0.98 6.87 0.53
N ARG A 145 1.95 7.41 -0.20
CA ARG A 145 3.30 6.86 -0.21
C ARG A 145 4.22 7.72 0.65
N THR A 146 5.41 7.20 0.92
CA THR A 146 6.38 7.94 1.71
C THR A 146 7.00 9.11 0.97
N ASP A 147 6.87 9.16 -0.36
CA ASP A 147 7.25 10.34 -1.13
C ASP A 147 6.05 11.22 -1.45
N TYR A 148 4.95 11.02 -0.73
CA TYR A 148 3.79 11.91 -0.69
C TYR A 148 3.01 11.95 -1.99
N SER A 149 3.24 11.01 -2.90
CA SER A 149 2.30 10.74 -3.98
C SER A 149 1.24 9.77 -3.50
N PHE A 150 0.63 9.01 -4.41
CA PHE A 150 -0.43 8.10 -4.05
C PHE A 150 -0.35 6.82 -4.87
N HIS A 151 -1.06 5.80 -4.40
CA HIS A 151 -1.32 4.61 -5.20
C HIS A 151 -2.65 4.01 -4.77
N LYS A 152 -3.33 3.39 -5.73
CA LYS A 152 -4.67 2.87 -5.53
C LYS A 152 -4.76 1.46 -6.10
N PHE A 153 -5.65 0.65 -5.51
CA PHE A 153 -5.88 -0.71 -5.92
C PHE A 153 -7.32 -0.86 -6.40
N HIS A 154 -7.51 -1.57 -7.50
CA HIS A 154 -8.83 -1.83 -8.06
C HIS A 154 -8.97 -3.32 -8.33
N TYR A 155 -10.12 -3.86 -7.95
CA TYR A 155 -10.35 -5.29 -7.97
C TYR A 155 -11.58 -5.63 -8.79
N LEU A 156 -11.51 -6.73 -9.53
CA LEU A 156 -12.64 -7.26 -10.29
C LEU A 156 -12.59 -8.77 -10.22
N THR A 157 -13.65 -9.38 -9.69
CA THR A 157 -13.75 -10.84 -9.67
C THR A 157 -14.22 -11.34 -11.01
N PHE A 158 -13.57 -12.41 -11.49
CA PHE A 158 -13.84 -12.90 -12.83
C PHE A 158 -13.51 -14.38 -12.90
N VAL A 159 -14.10 -15.05 -13.89
CA VAL A 159 -13.85 -16.45 -14.17
C VAL A 159 -13.03 -16.51 -15.46
N PRO A 160 -11.76 -16.98 -15.41
CA PRO A 160 -10.91 -16.96 -16.61
C PRO A 160 -11.53 -17.66 -17.81
N SER A 161 -11.73 -16.91 -18.88
CA SER A 161 -12.24 -17.42 -20.14
C SER A 161 -11.21 -17.17 -21.24
N ALA A 162 -11.00 -18.16 -22.10
CA ALA A 162 -10.17 -17.96 -23.27
C ALA A 162 -10.84 -17.05 -24.30
N GLU A 163 -12.11 -16.70 -24.09
CA GLU A 163 -12.83 -15.80 -24.98
C GLU A 163 -13.02 -14.42 -24.38
N ASP A 164 -12.26 -14.08 -23.32
CA ASP A 164 -12.46 -12.82 -22.63
C ASP A 164 -11.16 -12.03 -22.57
N VAL A 165 -11.31 -10.71 -22.45
CA VAL A 165 -10.22 -9.75 -22.56
C VAL A 165 -10.54 -8.56 -21.68
N TYR A 166 -9.58 -8.11 -20.88
CA TYR A 166 -9.84 -7.11 -19.86
C TYR A 166 -8.90 -5.91 -20.00
N ASP A 167 -9.41 -4.74 -19.63
CA ASP A 167 -8.65 -3.51 -19.60
C ASP A 167 -9.00 -2.72 -18.36
N CYS A 168 -8.00 -2.01 -17.82
CA CYS A 168 -8.18 -1.08 -16.72
C CYS A 168 -7.93 0.31 -17.26
N ARG A 169 -8.99 1.09 -17.43
CA ARG A 169 -8.91 2.43 -18.00
C ARG A 169 -8.79 3.45 -16.89
N VAL A 170 -7.76 4.30 -16.98
CA VAL A 170 -7.45 5.26 -15.93
C VAL A 170 -7.44 6.67 -16.52
N GLU A 171 -8.03 7.61 -15.80
CA GLU A 171 -8.03 9.02 -16.16
C GLU A 171 -7.31 9.81 -15.07
N HIS A 172 -6.37 10.64 -15.48
CA HIS A 172 -5.65 11.52 -14.56
C HIS A 172 -5.28 12.80 -15.30
N TRP A 173 -5.24 13.90 -14.54
CA TRP A 173 -4.93 15.20 -15.14
C TRP A 173 -3.51 15.25 -15.69
N GLY A 174 -2.62 14.37 -15.23
CA GLY A 174 -1.27 14.31 -15.76
C GLY A 174 -1.11 13.47 -17.01
N LEU A 175 -2.20 12.90 -17.50
CA LEU A 175 -2.20 12.14 -18.75
C LEU A 175 -2.91 12.94 -19.82
N ASP A 176 -2.43 12.82 -21.07
CA ASP A 176 -3.08 13.51 -22.18
C ASP A 176 -4.41 12.86 -22.52
N GLN A 177 -4.47 11.54 -22.49
CA GLN A 177 -5.63 10.75 -22.85
C GLN A 177 -5.85 9.71 -21.76
N PRO A 178 -6.99 9.02 -21.77
CA PRO A 178 -7.17 7.89 -20.85
C PRO A 178 -6.12 6.81 -21.09
N LEU A 179 -5.56 6.28 -20.01
CA LEU A 179 -4.55 5.23 -20.09
C LEU A 179 -5.24 3.87 -20.00
N LEU A 180 -4.99 3.03 -20.99
CA LEU A 180 -5.56 1.68 -21.05
C LEU A 180 -4.44 0.68 -20.77
N LYS A 181 -4.61 -0.11 -19.72
CA LYS A 181 -3.69 -1.19 -19.39
C LYS A 181 -4.40 -2.52 -19.59
N HIS A 182 -3.72 -3.46 -20.24
CA HIS A 182 -4.35 -4.64 -20.82
C HIS A 182 -3.90 -5.91 -20.10
N TRP A 183 -4.83 -6.85 -19.94
CA TRP A 183 -4.50 -8.19 -19.45
C TRP A 183 -5.35 -9.22 -20.18
N GLU A 184 -4.74 -10.38 -20.42
CA GLU A 184 -5.33 -11.41 -21.26
C GLU A 184 -4.93 -12.77 -20.72
N ALA A 185 -5.83 -13.74 -20.90
CA ALA A 185 -5.59 -15.09 -20.40
C ALA A 185 -4.48 -15.77 -21.20
N GLN A 186 -4.00 -16.89 -20.66
CA GLN A 186 -2.91 -17.68 -21.24
C GLN A 186 -1.60 -16.88 -21.36
N ALA B 4 -5.22 21.76 -19.51
CA ALA B 4 -5.72 22.82 -18.62
C ALA B 4 -6.41 22.22 -17.40
N THR B 5 -5.63 21.96 -16.35
CA THR B 5 -6.12 21.24 -15.19
C THR B 5 -6.97 22.12 -14.30
N PRO B 6 -8.05 21.58 -13.72
CA PRO B 6 -8.87 22.36 -12.78
C PRO B 6 -8.08 22.77 -11.54
N GLU B 7 -8.63 23.75 -10.83
CA GLU B 7 -7.98 24.28 -9.63
C GLU B 7 -8.03 23.25 -8.51
N ASN B 8 -6.88 23.01 -7.87
CA ASN B 8 -6.79 22.00 -6.82
C ASN B 8 -5.61 22.31 -5.91
N TYR B 9 -5.87 22.42 -4.62
CA TYR B 9 -4.83 22.58 -3.60
C TYR B 9 -4.97 21.45 -2.59
N VAL B 10 -3.86 20.81 -2.26
CA VAL B 10 -3.86 19.59 -1.45
C VAL B 10 -3.04 19.83 -0.19
N TYR B 11 -3.58 19.42 0.95
CA TYR B 11 -2.87 19.46 2.22
C TYR B 11 -2.85 18.06 2.82
N GLN B 12 -1.67 17.60 3.23
CA GLN B 12 -1.45 16.24 3.70
C GLN B 12 -0.87 16.24 5.10
N GLY B 13 -1.12 15.15 5.82
CA GLY B 13 -0.58 14.97 7.16
C GLY B 13 -0.16 13.54 7.43
N ARG B 14 0.95 13.36 8.14
CA ARG B 14 1.47 12.03 8.43
C ARG B 14 1.97 11.98 9.87
N GLN B 15 1.46 11.00 10.63
CA GLN B 15 1.85 10.75 12.01
C GLN B 15 2.49 9.36 12.04
N GLU B 16 3.83 9.31 12.16
CA GLU B 16 4.59 8.09 11.96
C GLU B 16 5.24 7.64 13.27
N CYS B 17 5.05 6.35 13.61
CA CYS B 17 5.69 5.73 14.76
C CYS B 17 6.70 4.70 14.25
N TYR B 18 7.96 4.84 14.67
CA TYR B 18 9.02 3.91 14.29
C TYR B 18 9.36 3.06 15.50
N ALA B 19 9.12 1.76 15.39
CA ALA B 19 9.36 0.81 16.48
C ALA B 19 10.57 -0.03 16.15
N PHE B 20 11.66 0.16 16.91
CA PHE B 20 12.87 -0.61 16.76
C PHE B 20 13.42 -0.91 18.15
N ASN B 21 13.95 -2.14 18.32
CA ASN B 21 14.31 -2.65 19.64
C ASN B 21 13.11 -2.52 20.57
N GLY B 22 13.26 -1.78 21.65
CA GLY B 22 12.16 -1.41 22.52
C GLY B 22 11.71 0.03 22.39
N THR B 23 12.19 0.75 21.39
CA THR B 23 12.01 2.19 21.27
C THR B 23 10.80 2.54 20.42
N GLN B 24 10.41 3.81 20.48
CA GLN B 24 9.32 4.37 19.68
C GLN B 24 9.71 5.79 19.32
N ARG B 25 10.05 6.02 18.05
CA ARG B 25 10.42 7.34 17.56
C ARG B 25 9.22 7.92 16.83
N PHE B 26 8.70 9.02 17.36
CA PHE B 26 7.52 9.67 16.80
C PHE B 26 7.95 10.70 15.76
N LEU B 27 7.57 10.46 14.51
CA LEU B 27 7.71 11.44 13.44
C LEU B 27 6.35 12.03 13.12
N GLU B 28 6.34 13.33 12.79
CA GLU B 28 5.13 14.03 12.39
C GLU B 28 5.48 14.96 11.25
N ARG B 29 4.67 14.94 10.19
CA ARG B 29 4.98 15.65 8.95
C ARG B 29 3.77 16.46 8.51
N TYR B 30 4.01 17.74 8.21
CA TYR B 30 3.01 18.65 7.67
C TYR B 30 3.39 18.96 6.22
N ILE B 31 2.44 18.78 5.31
CA ILE B 31 2.76 18.63 3.89
C ILE B 31 1.76 19.42 3.06
N TYR B 32 2.23 20.45 2.37
CA TYR B 32 1.46 21.17 1.37
C TYR B 32 1.83 20.62 -0.01
N ASN B 33 0.81 20.25 -0.79
CA ASN B 33 0.99 19.52 -2.05
C ASN B 33 1.83 18.27 -1.81
N ARG B 34 3.02 18.22 -2.41
CA ARG B 34 3.96 17.13 -2.18
C ARG B 34 5.20 17.60 -1.43
N GLU B 35 5.13 18.74 -0.76
CA GLU B 35 6.26 19.33 -0.07
C GLU B 35 6.01 19.31 1.44
N GLU B 36 6.87 18.60 2.16
CA GLU B 36 6.83 18.61 3.62
C GLU B 36 7.58 19.82 4.14
N TYR B 37 6.90 20.68 4.90
CA TYR B 37 7.47 21.93 5.36
C TYR B 37 7.71 22.00 6.86
N ALA B 38 6.82 21.42 7.67
CA ALA B 38 6.99 21.40 9.12
C ALA B 38 7.02 19.96 9.60
N ARG B 39 7.77 19.72 10.67
CA ARG B 39 7.99 18.36 11.14
C ARG B 39 8.33 18.36 12.63
N PHE B 40 7.73 17.41 13.36
CA PHE B 40 8.18 17.05 14.69
C PHE B 40 9.01 15.78 14.61
N ASP B 41 10.18 15.81 15.24
CA ASP B 41 11.01 14.63 15.42
C ASP B 41 11.22 14.41 16.91
N SER B 42 10.87 13.21 17.39
CA SER B 42 10.99 12.93 18.82
C SER B 42 12.44 12.96 19.28
N ASP B 43 13.38 12.59 18.41
CA ASP B 43 14.80 12.70 18.73
C ASP B 43 15.27 14.15 18.79
N VAL B 44 14.45 15.09 18.32
CA VAL B 44 14.82 16.51 18.32
C VAL B 44 14.18 17.24 19.50
N GLY B 45 12.94 16.91 19.84
CA GLY B 45 12.27 17.51 20.97
C GLY B 45 11.46 18.75 20.67
N GLU B 46 11.44 19.21 19.42
CA GLU B 46 10.71 20.42 19.07
C GLU B 46 10.43 20.39 17.57
N PHE B 47 9.42 21.16 17.16
CA PHE B 47 9.14 21.31 15.75
C PHE B 47 10.30 22.02 15.06
N ARG B 48 10.56 21.62 13.82
CA ARG B 48 11.57 22.28 12.99
C ARG B 48 11.01 22.42 11.58
N ALA B 49 11.06 23.64 11.05
CA ALA B 49 10.62 23.87 9.69
C ALA B 49 11.57 23.22 8.71
N VAL B 50 11.04 22.41 7.80
CA VAL B 50 11.89 21.80 6.79
C VAL B 50 12.11 22.76 5.62
N THR B 51 11.14 23.60 5.33
CA THR B 51 11.25 24.64 4.32
C THR B 51 10.87 25.98 4.93
N GLU B 52 10.99 27.04 4.13
CA GLU B 52 10.58 28.36 4.59
C GLU B 52 9.08 28.45 4.84
N LEU B 53 8.30 27.58 4.19
CA LEU B 53 6.84 27.62 4.35
C LEU B 53 6.42 27.38 5.80
N GLY B 54 7.25 26.68 6.58
CA GLY B 54 6.85 26.28 7.92
C GLY B 54 7.48 27.05 9.05
N ARG B 55 8.04 28.22 8.75
CA ARG B 55 8.61 29.07 9.78
C ARG B 55 7.54 29.74 10.64
N PRO B 56 6.44 30.25 10.07
CA PRO B 56 5.37 30.79 10.93
C PRO B 56 4.79 29.78 11.90
N ALA B 57 4.87 28.49 11.59
CA ALA B 57 4.34 27.45 12.47
C ALA B 57 5.39 26.98 13.47
N ALA B 58 6.57 26.60 12.98
CA ALA B 58 7.60 26.01 13.84
C ALA B 58 7.91 26.90 15.03
N GLU B 59 8.06 28.20 14.79
CA GLU B 59 8.39 29.11 15.89
C GLU B 59 7.18 29.35 16.80
N TYR B 60 5.99 29.46 16.21
CA TYR B 60 4.81 29.70 17.04
C TYR B 60 4.37 28.44 17.78
N TRP B 61 4.41 27.29 17.10
CA TRP B 61 4.08 26.03 17.78
C TRP B 61 5.08 25.75 18.89
N ASN B 62 6.37 25.92 18.62
CA ASN B 62 7.35 25.95 19.68
C ASN B 62 7.09 27.14 20.60
N SER B 63 7.69 27.10 21.79
CA SER B 63 7.55 28.16 22.78
C SER B 63 6.11 28.22 23.31
N GLN B 64 5.26 27.28 22.90
CA GLN B 64 3.96 27.05 23.51
C GLN B 64 4.03 25.69 24.21
N LYS B 65 4.11 25.72 25.55
CA LYS B 65 4.47 24.53 26.30
C LYS B 65 3.39 23.47 26.26
N ASP B 66 2.11 23.86 26.23
CA ASP B 66 1.03 22.88 26.26
C ASP B 66 1.08 21.95 25.05
N ILE B 67 1.42 22.51 23.88
CA ILE B 67 1.53 21.67 22.68
C ILE B 67 2.79 20.82 22.72
N LEU B 68 3.92 21.43 23.09
CA LEU B 68 5.20 20.75 22.99
C LEU B 68 5.29 19.57 23.95
N GLU B 69 4.73 19.71 25.16
CA GLU B 69 4.76 18.61 26.12
C GLU B 69 3.90 17.45 25.66
N GLU B 70 2.70 17.74 25.14
CA GLU B 70 1.85 16.68 24.59
C GLU B 70 2.58 15.91 23.49
N LYS B 71 3.31 16.61 22.64
CA LYS B 71 3.98 15.97 21.51
C LYS B 71 5.16 15.12 21.95
N ARG B 72 5.85 15.53 23.02
CA ARG B 72 6.98 14.75 23.50
C ARG B 72 6.55 13.42 24.11
N ALA B 73 5.38 13.37 24.75
CA ALA B 73 4.88 12.16 25.37
C ALA B 73 4.22 11.21 24.38
N VAL B 74 4.10 11.62 23.10
CA VAL B 74 3.44 10.77 22.11
C VAL B 74 4.12 9.42 21.96
N PRO B 75 5.46 9.30 21.89
CA PRO B 75 6.08 7.97 21.72
C PRO B 75 5.63 6.93 22.73
N ASP B 76 5.33 7.30 23.97
CA ASP B 76 4.89 6.36 24.98
C ASP B 76 3.39 6.43 25.25
N ARG B 77 2.68 7.35 24.60
CA ARG B 77 1.25 7.53 24.83
C ARG B 77 0.38 6.93 23.73
N VAL B 78 0.80 7.00 22.47
CA VAL B 78 0.02 6.36 21.41
C VAL B 78 0.90 5.41 20.60
N CYS B 79 2.18 5.74 20.44
CA CYS B 79 3.07 4.88 19.65
C CYS B 79 3.26 3.54 20.34
N ARG B 80 3.90 3.55 21.52
CA ARG B 80 4.09 2.32 22.28
C ARG B 80 2.75 1.68 22.64
N HIS B 81 1.72 2.49 22.88
CA HIS B 81 0.41 1.95 23.20
C HIS B 81 -0.20 1.21 22.01
N ASN B 82 -0.21 1.84 20.83
CA ASN B 82 -0.72 1.17 19.64
C ASN B 82 0.12 -0.05 19.30
N TYR B 83 1.44 0.05 19.47
CA TYR B 83 2.32 -1.06 19.12
C TYR B 83 1.99 -2.31 19.93
N GLU B 84 1.70 -2.15 21.23
CA GLU B 84 1.30 -3.29 22.03
C GLU B 84 -0.01 -3.88 21.53
N LEU B 85 -0.94 -3.02 21.11
CA LEU B 85 -2.19 -3.52 20.53
C LEU B 85 -1.95 -4.21 19.20
N ASP B 86 -0.93 -3.77 18.44
CA ASP B 86 -0.62 -4.41 17.18
C ASP B 86 0.07 -5.75 17.38
N GLU B 87 0.84 -5.89 18.47
CA GLU B 87 1.53 -7.15 18.72
C GLU B 87 0.55 -8.26 19.10
N ALA B 88 -0.63 -7.90 19.63
CA ALA B 88 -1.60 -8.90 20.00
C ALA B 88 -2.37 -9.44 18.81
N VAL B 89 -2.54 -8.63 17.76
CA VAL B 89 -3.39 -8.99 16.63
C VAL B 89 -2.59 -8.95 15.32
N THR B 90 -2.11 -7.76 14.95
CA THR B 90 -1.56 -7.57 13.62
C THR B 90 -0.33 -8.42 13.37
N LEU B 91 0.61 -8.44 14.33
CA LEU B 91 1.84 -9.21 14.14
C LEU B 91 1.57 -10.71 14.09
N GLN B 92 0.59 -11.19 14.84
CA GLN B 92 0.29 -12.62 14.91
C GLN B 92 -0.48 -13.13 13.69
N ARG B 93 -0.83 -12.26 12.75
CA ARG B 93 -1.49 -12.71 11.52
C ARG B 93 -0.49 -13.45 10.65
N ARG B 94 -0.77 -14.73 10.39
CA ARG B 94 0.09 -15.57 9.56
C ARG B 94 -0.79 -16.29 8.54
N VAL B 95 -0.72 -15.88 7.28
CA VAL B 95 -1.45 -16.51 6.18
C VAL B 95 -0.45 -17.32 5.36
N GLN B 96 -0.80 -18.56 5.07
CA GLN B 96 0.15 -19.52 4.51
C GLN B 96 0.28 -19.33 3.00
N PRO B 97 1.50 -19.42 2.47
CA PRO B 97 1.68 -19.28 1.02
C PRO B 97 1.16 -20.49 0.27
N LYS B 98 0.41 -20.24 -0.79
CA LYS B 98 -0.03 -21.27 -1.74
C LYS B 98 0.91 -21.24 -2.93
N VAL B 99 1.36 -22.42 -3.37
CA VAL B 99 2.41 -22.52 -4.37
C VAL B 99 1.89 -23.31 -5.56
N ASN B 100 1.98 -22.71 -6.75
CA ASN B 100 1.71 -23.38 -8.02
C ASN B 100 2.94 -23.25 -8.90
N VAL B 101 3.21 -24.28 -9.70
CA VAL B 101 4.34 -24.32 -10.60
C VAL B 101 3.84 -24.70 -11.98
N SER B 102 4.37 -24.03 -13.00
CA SER B 102 3.91 -24.21 -14.37
C SER B 102 4.96 -23.65 -15.31
N PRO B 103 5.05 -24.12 -16.54
CA PRO B 103 5.84 -23.43 -17.55
C PRO B 103 5.11 -22.21 -18.09
N SER B 104 5.90 -21.23 -18.54
CA SER B 104 5.31 -20.00 -19.08
C SER B 104 4.50 -20.30 -20.34
N LYS B 105 5.10 -21.02 -21.29
CA LYS B 105 4.40 -21.45 -22.49
C LYS B 105 4.57 -22.95 -22.66
N LYS B 106 3.64 -23.55 -23.39
CA LYS B 106 3.64 -24.98 -23.66
C LYS B 106 4.19 -25.24 -25.06
N GLY B 107 4.98 -26.29 -25.19
CA GLY B 107 5.54 -26.65 -26.47
C GLY B 107 6.53 -27.79 -26.41
N PRO B 108 7.64 -27.65 -27.14
CA PRO B 108 8.61 -28.75 -27.25
C PRO B 108 9.30 -29.03 -25.92
N LEU B 109 10.07 -30.12 -25.91
CA LEU B 109 10.80 -30.54 -24.72
C LEU B 109 12.17 -29.88 -24.63
N GLN B 110 13.02 -30.13 -25.62
CA GLN B 110 14.40 -29.64 -25.59
C GLN B 110 14.51 -28.15 -25.88
N HIS B 111 13.40 -27.46 -26.12
CA HIS B 111 13.42 -26.02 -26.32
C HIS B 111 13.50 -25.30 -24.97
N HIS B 112 14.18 -24.16 -24.98
CA HIS B 112 14.29 -23.35 -23.77
C HIS B 112 12.93 -22.85 -23.33
N ASN B 113 12.73 -22.77 -22.02
CA ASN B 113 11.47 -22.30 -21.45
C ASN B 113 11.75 -21.73 -20.07
N LEU B 114 10.72 -21.12 -19.49
CA LEU B 114 10.79 -20.55 -18.15
C LEU B 114 9.81 -21.27 -17.24
N LEU B 115 10.32 -21.84 -16.15
CA LEU B 115 9.48 -22.43 -15.12
C LEU B 115 9.17 -21.36 -14.08
N VAL B 116 7.89 -21.07 -13.88
CA VAL B 116 7.46 -20.02 -12.96
C VAL B 116 6.88 -20.65 -11.71
N CYS B 117 7.48 -20.34 -10.56
CA CYS B 117 6.93 -20.70 -9.26
C CYS B 117 6.13 -19.51 -8.76
N HIS B 118 4.80 -19.67 -8.72
CA HIS B 118 3.89 -18.58 -8.37
C HIS B 118 3.41 -18.77 -6.94
N VAL B 119 3.90 -17.94 -6.03
CA VAL B 119 3.57 -18.00 -4.61
C VAL B 119 2.62 -16.86 -4.31
N THR B 120 1.46 -17.18 -3.74
CA THR B 120 0.38 -16.23 -3.59
C THR B 120 -0.22 -16.28 -2.18
N ASP B 121 -0.80 -15.15 -1.77
CA ASP B 121 -1.61 -15.04 -0.56
C ASP B 121 -0.86 -15.50 0.69
N PHE B 122 0.23 -14.80 0.99
CA PHE B 122 0.93 -15.03 2.25
C PHE B 122 1.11 -13.71 3.00
N TYR B 123 1.40 -13.83 4.28
CA TYR B 123 1.67 -12.71 5.17
C TYR B 123 2.40 -13.21 6.41
N PRO B 124 3.47 -12.50 6.85
CA PRO B 124 4.00 -11.27 6.26
C PRO B 124 4.77 -11.50 4.95
N GLY B 125 5.39 -10.45 4.43
CA GLY B 125 6.00 -10.48 3.12
C GLY B 125 7.37 -11.12 3.03
N SER B 126 8.07 -11.30 4.16
CA SER B 126 9.40 -11.88 4.13
C SER B 126 9.31 -13.36 3.79
N ILE B 127 9.69 -13.72 2.57
CA ILE B 127 9.57 -15.08 2.07
C ILE B 127 10.85 -15.45 1.35
N GLN B 128 11.16 -16.74 1.33
CA GLN B 128 12.33 -17.27 0.64
C GLN B 128 11.90 -18.34 -0.36
N VAL B 129 12.25 -18.14 -1.62
CA VAL B 129 11.94 -19.08 -2.70
C VAL B 129 13.25 -19.56 -3.30
N ARG B 130 13.37 -20.87 -3.47
CA ARG B 130 14.56 -21.47 -4.05
C ARG B 130 14.15 -22.47 -5.11
N TRP B 131 15.07 -22.74 -6.04
CA TRP B 131 14.83 -23.65 -7.16
C TRP B 131 15.83 -24.79 -7.12
N PHE B 132 15.36 -25.98 -7.45
CA PHE B 132 16.21 -27.18 -7.45
C PHE B 132 15.94 -27.99 -8.71
N LEU B 133 17.01 -28.43 -9.37
CA LEU B 133 16.92 -29.32 -10.53
C LEU B 133 17.66 -30.61 -10.19
N ASN B 134 16.91 -31.71 -10.11
CA ASN B 134 17.48 -33.02 -9.81
C ASN B 134 18.24 -33.01 -8.49
N GLY B 135 17.70 -32.30 -7.50
CA GLY B 135 18.28 -32.25 -6.18
C GLY B 135 19.31 -31.15 -5.95
N GLN B 136 19.73 -30.45 -7.01
CA GLN B 136 20.74 -29.41 -6.90
C GLN B 136 20.10 -28.04 -7.00
N GLU B 137 20.48 -27.14 -6.09
CA GLU B 137 20.00 -25.76 -6.14
C GLU B 137 20.48 -25.08 -7.41
N GLU B 138 19.54 -24.60 -8.22
CA GLU B 138 19.87 -23.75 -9.35
C GLU B 138 20.12 -22.34 -8.83
N THR B 139 21.38 -21.93 -8.79
CA THR B 139 21.76 -20.62 -8.29
C THR B 139 21.92 -19.58 -9.38
N ALA B 140 21.64 -19.95 -10.64
CA ALA B 140 21.73 -19.01 -11.75
C ALA B 140 20.54 -19.22 -12.67
N GLY B 141 20.17 -18.16 -13.40
CA GLY B 141 19.02 -18.23 -14.27
C GLY B 141 17.70 -18.05 -13.55
N VAL B 142 17.70 -17.35 -12.41
CA VAL B 142 16.52 -17.17 -11.58
C VAL B 142 16.07 -15.72 -11.70
N VAL B 143 14.87 -15.53 -12.23
CA VAL B 143 14.30 -14.20 -12.49
C VAL B 143 13.12 -14.02 -11.56
N SER B 144 13.22 -13.07 -10.63
CA SER B 144 12.21 -12.86 -9.61
C SER B 144 11.53 -11.50 -9.80
N THR B 145 10.21 -11.52 -9.97
CA THR B 145 9.40 -10.31 -9.82
C THR B 145 9.21 -10.09 -8.33
N ASN B 146 10.12 -9.30 -7.74
CA ASN B 146 10.20 -9.17 -6.30
C ASN B 146 8.86 -8.73 -5.71
N LEU B 147 8.55 -9.30 -4.53
CA LEU B 147 7.38 -9.05 -3.69
C LEU B 147 6.34 -8.10 -4.26
N ILE B 148 5.16 -8.63 -4.58
CA ILE B 148 4.05 -7.84 -5.10
C ILE B 148 3.01 -7.72 -3.98
N ARG B 149 2.79 -6.50 -3.51
CA ARG B 149 1.76 -6.24 -2.52
C ARG B 149 0.40 -6.15 -3.21
N ASN B 150 -0.59 -6.85 -2.66
CA ASN B 150 -1.91 -6.94 -3.27
C ASN B 150 -2.88 -5.89 -2.76
N GLY B 151 -2.52 -5.14 -1.73
CA GLY B 151 -3.45 -4.17 -1.17
C GLY B 151 -4.56 -4.76 -0.33
N ASP B 152 -4.45 -6.03 0.04
CA ASP B 152 -5.47 -6.70 0.86
C ASP B 152 -4.80 -7.53 1.95
N TRP B 153 -3.69 -7.05 2.49
CA TRP B 153 -2.94 -7.69 3.57
C TRP B 153 -2.39 -9.05 3.15
N THR B 154 -2.21 -9.28 1.86
CA THR B 154 -1.60 -10.50 1.34
C THR B 154 -0.55 -10.12 0.31
N PHE B 155 0.56 -10.85 0.28
CA PHE B 155 1.63 -10.62 -0.67
C PHE B 155 1.56 -11.65 -1.79
N GLN B 156 2.48 -11.52 -2.75
CA GLN B 156 2.53 -12.37 -3.93
C GLN B 156 3.87 -12.18 -4.59
N ILE B 157 4.47 -13.28 -5.06
CA ILE B 157 5.77 -13.21 -5.73
C ILE B 157 5.82 -14.30 -6.79
N LEU B 158 6.51 -14.00 -7.89
CA LEU B 158 6.77 -14.96 -8.96
C LEU B 158 8.27 -15.11 -9.12
N VAL B 159 8.74 -16.35 -9.02
CA VAL B 159 10.16 -16.67 -9.18
C VAL B 159 10.29 -17.63 -10.35
N MET B 160 10.99 -17.21 -11.39
CA MET B 160 11.12 -17.97 -12.62
C MET B 160 12.53 -18.54 -12.74
N LEU B 161 12.63 -19.73 -13.32
CA LEU B 161 13.90 -20.39 -13.57
C LEU B 161 14.12 -20.54 -15.07
N GLU B 162 15.30 -20.15 -15.53
CA GLU B 162 15.68 -20.34 -16.93
C GLU B 162 16.08 -21.80 -17.13
N MET B 163 15.24 -22.55 -17.83
CA MET B 163 15.38 -23.99 -17.92
C MET B 163 15.43 -24.43 -19.39
N THR B 164 15.95 -25.65 -19.57
CA THR B 164 15.91 -26.33 -20.87
C THR B 164 15.62 -27.79 -20.53
N PRO B 165 14.35 -28.17 -20.46
CA PRO B 165 13.98 -29.43 -19.80
C PRO B 165 14.31 -30.65 -20.65
N GLN B 166 14.92 -31.65 -20.01
CA GLN B 166 15.16 -32.96 -20.60
C GLN B 166 14.16 -33.95 -20.03
N GLN B 167 13.93 -35.02 -20.79
CA GLN B 167 13.04 -36.08 -20.33
C GLN B 167 13.59 -36.70 -19.05
N GLY B 168 12.73 -36.84 -18.04
CA GLY B 168 13.13 -37.37 -16.76
C GLY B 168 13.67 -36.35 -15.78
N ASP B 169 13.91 -35.11 -16.21
CA ASP B 169 14.36 -34.07 -15.30
C ASP B 169 13.26 -33.75 -14.28
N VAL B 170 13.66 -33.53 -13.04
CA VAL B 170 12.74 -33.22 -11.95
C VAL B 170 13.10 -31.85 -11.40
N TYR B 171 12.13 -30.95 -11.39
CA TYR B 171 12.30 -29.60 -10.86
C TYR B 171 11.45 -29.45 -9.60
N ILE B 172 12.03 -28.83 -8.57
CA ILE B 172 11.36 -28.63 -7.29
C ILE B 172 11.50 -27.18 -6.88
N CYS B 173 10.40 -26.57 -6.45
CA CYS B 173 10.39 -25.23 -5.90
C CYS B 173 10.22 -25.32 -4.39
N GLN B 174 11.15 -24.70 -3.65
CA GLN B 174 11.11 -24.69 -2.20
C GLN B 174 10.72 -23.30 -1.71
N VAL B 175 9.90 -23.26 -0.66
CA VAL B 175 9.37 -22.02 -0.12
C VAL B 175 9.56 -22.03 1.40
N GLU B 176 10.23 -21.02 1.92
CA GLU B 176 10.46 -20.87 3.36
C GLU B 176 9.78 -19.59 3.83
N HIS B 177 8.75 -19.75 4.66
CA HIS B 177 7.98 -18.63 5.19
C HIS B 177 7.79 -18.82 6.70
N THR B 178 7.62 -17.70 7.40
CA THR B 178 7.46 -17.76 8.85
C THR B 178 6.20 -18.51 9.27
N SER B 179 5.19 -18.57 8.40
CA SER B 179 3.96 -19.29 8.69
C SER B 179 4.07 -20.79 8.45
N LEU B 180 5.27 -21.29 8.13
CA LEU B 180 5.49 -22.69 7.82
C LEU B 180 6.47 -23.30 8.81
N ASP B 181 6.17 -24.51 9.27
CA ASP B 181 7.06 -25.19 10.21
C ASP B 181 8.31 -25.70 9.52
N SER B 182 8.17 -26.17 8.28
CA SER B 182 9.29 -26.67 7.50
C SER B 182 9.16 -26.15 6.06
N PRO B 183 10.20 -26.26 5.24
CA PRO B 183 10.07 -25.85 3.83
C PRO B 183 8.95 -26.61 3.12
N VAL B 184 8.25 -25.89 2.25
CA VAL B 184 7.19 -26.46 1.42
C VAL B 184 7.73 -26.64 0.01
N THR B 185 7.47 -27.79 -0.59
CA THR B 185 7.97 -28.10 -1.93
C THR B 185 6.81 -28.40 -2.87
N VAL B 186 6.97 -27.97 -4.12
CA VAL B 186 6.08 -28.34 -5.22
C VAL B 186 6.94 -28.80 -6.39
N GLU B 187 6.52 -29.87 -7.05
CA GLU B 187 7.33 -30.57 -8.03
C GLU B 187 6.76 -30.39 -9.44
N TRP B 188 7.63 -30.62 -10.42
CA TRP B 188 7.23 -30.61 -11.83
C TRP B 188 8.21 -31.46 -12.61
N LYS B 189 7.70 -32.45 -13.33
CA LYS B 189 8.53 -33.31 -14.16
C LYS B 189 8.37 -32.93 -15.63
N ALA B 190 9.48 -32.98 -16.35
CA ALA B 190 9.45 -32.79 -17.79
C ALA B 190 9.04 -34.10 -18.47
N GLN B 191 8.00 -34.04 -19.30
CA GLN B 191 7.49 -35.25 -19.95
C GLN B 191 7.02 -34.94 -21.37
N ILE C 1 -3.36 30.60 13.77
CA ILE C 1 -2.90 30.56 12.38
C ILE C 1 -2.99 29.14 11.84
N GLU C 2 -2.16 28.25 12.39
CA GLU C 2 -2.11 26.85 11.99
C GLU C 2 -2.32 25.99 13.23
N PHE C 3 -3.19 25.00 13.12
CA PHE C 3 -3.49 24.12 14.24
C PHE C 3 -2.62 22.87 14.18
N VAL C 4 -2.20 22.41 15.36
CA VAL C 4 -1.41 21.18 15.44
C VAL C 4 -2.31 19.96 15.30
N PHE C 5 -1.72 18.84 14.91
CA PHE C 5 -2.46 17.60 14.74
C PHE C 5 -2.80 16.99 16.09
N LYS C 6 -3.96 16.34 16.15
CA LYS C 6 -4.37 15.60 17.34
C LYS C 6 -3.90 14.16 17.24
N ASN C 7 -3.43 13.62 18.37
CA ASN C 7 -2.91 12.26 18.43
C ASN C 7 -3.86 11.41 19.27
N LYS C 8 -4.54 10.47 18.64
CA LYS C 8 -5.35 9.47 19.31
C LYS C 8 -4.70 8.10 19.12
N ALA C 9 -5.35 7.07 19.65
CA ALA C 9 -4.82 5.73 19.55
C ALA C 9 -5.97 4.73 19.55
N LYS C 10 -5.68 3.53 19.04
CA LYS C 10 -6.65 2.44 19.13
C LYS C 10 -6.78 1.97 20.58
N GLU C 11 -7.99 1.57 20.94
CA GLU C 11 -8.27 1.11 22.29
C GLU C 11 -9.05 -0.20 22.23
N LEU C 12 -8.73 -1.11 23.15
CA LEU C 12 -9.40 -2.40 23.21
C LEU C 12 -10.77 -2.26 23.87
#